data_7XI6
#
_entry.id   7XI6
#
_cell.length_a   62.401
_cell.length_b   62.401
_cell.length_c   166.776
_cell.angle_alpha   90.000
_cell.angle_beta   90.000
_cell.angle_gamma   90.000
#
_symmetry.space_group_name_H-M   'I 41 2 2'
#
loop_
_entity.id
_entity.type
_entity.pdbx_description
1 polymer C56
2 water water
#
_entity_poly.entity_id   1
_entity_poly.type   'polypeptide(L)'
_entity_poly.pdbx_seq_one_letter_code
;MKPYIRRGGRPGDETYYLNIPRDIAKALGITKEDEFMLSVETKDGEITLCYKRVKK
;
_entity_poly.pdbx_strand_id   A,B
#
# COMPACT_ATOMS: atom_id res chain seq x y z
N MET A 1 8.04 -7.57 3.47
CA MET A 1 6.90 -8.05 2.67
C MET A 1 7.00 -7.58 1.23
N LYS A 2 6.35 -8.28 0.33
CA LYS A 2 6.45 -8.02 -1.10
C LYS A 2 5.18 -7.38 -1.66
N PRO A 3 5.24 -6.77 -2.85
CA PRO A 3 4.02 -6.23 -3.47
C PRO A 3 3.09 -7.33 -3.95
N TYR A 4 1.83 -6.98 -3.94
CA TYR A 4 0.78 -7.78 -4.57
C TYR A 4 0.65 -7.26 -5.99
N ILE A 5 1.14 -8.01 -6.96
CA ILE A 5 1.10 -7.62 -8.36
C ILE A 5 -0.02 -8.40 -9.01
N ARG A 6 -0.99 -7.70 -9.58
CA ARG A 6 -2.03 -8.48 -10.24
C ARG A 6 -1.82 -8.51 -11.75
N ARG A 7 -2.83 -8.10 -12.48
CA ARG A 7 -2.97 -8.40 -13.90
C ARG A 7 -1.96 -7.63 -14.74
N GLY A 8 -1.87 -8.01 -16.00
CA GLY A 8 -1.01 -7.37 -16.97
C GLY A 8 -0.89 -8.16 -18.26
N GLY A 9 -0.49 -7.50 -19.34
CA GLY A 9 -0.17 -8.21 -20.56
C GLY A 9 1.32 -8.35 -20.74
N ARG A 10 2.07 -7.71 -19.80
CA ARG A 10 3.53 -7.55 -19.65
C ARG A 10 4.04 -6.11 -19.82
N PRO A 11 3.38 -5.21 -20.64
CA PRO A 11 4.12 -4.02 -21.12
C PRO A 11 4.21 -2.83 -20.17
N GLY A 12 4.20 -3.04 -18.85
CA GLY A 12 3.95 -1.96 -17.91
C GLY A 12 2.49 -1.69 -17.71
N ASP A 13 1.62 -2.41 -18.45
CA ASP A 13 0.19 -2.47 -18.23
C ASP A 13 -0.11 -3.48 -17.13
N GLU A 14 0.62 -3.38 -16.02
CA GLU A 14 0.38 -4.15 -14.82
C GLU A 14 -0.13 -3.23 -13.71
N THR A 15 -0.52 -3.85 -12.61
CA THR A 15 -1.02 -3.13 -11.45
C THR A 15 -0.32 -3.66 -10.21
N TYR A 16 -0.08 -2.75 -9.25
CA TYR A 16 0.76 -3.01 -8.08
C TYR A 16 0.00 -2.60 -6.83
N TYR A 17 0.08 -3.44 -5.80
CA TYR A 17 -0.65 -3.20 -4.56
C TYR A 17 0.23 -3.50 -3.37
N LEU A 18 -0.02 -2.80 -2.28
CA LEU A 18 0.65 -3.05 -1.02
C LEU A 18 -0.40 -3.46 0.01
N ASN A 19 -0.15 -4.56 0.69
CA ASN A 19 -1.12 -5.18 1.57
C ASN A 19 -1.10 -4.48 2.91
N ILE A 20 -2.28 -4.27 3.49
CA ILE A 20 -2.39 -3.86 4.88
C ILE A 20 -2.76 -5.08 5.69
N PRO A 21 -1.88 -5.58 6.55
CA PRO A 21 -2.22 -6.75 7.37
C PRO A 21 -3.51 -6.50 8.14
N ARG A 22 -4.34 -7.55 8.17
CA ARG A 22 -5.72 -7.42 8.64
C ARG A 22 -5.82 -6.76 10.01
N ASP A 23 -4.93 -7.10 10.93
CA ASP A 23 -5.11 -6.52 12.25
C ASP A 23 -4.60 -5.11 12.34
N ILE A 24 -3.70 -4.69 11.44
CA ILE A 24 -3.42 -3.27 11.36
C ILE A 24 -4.58 -2.56 10.70
N ALA A 25 -5.13 -3.14 9.63
CA ALA A 25 -6.33 -2.59 9.03
C ALA A 25 -7.45 -2.46 10.06
N LYS A 26 -7.68 -3.50 10.86
CA LYS A 26 -8.74 -3.44 11.85
C LYS A 26 -8.44 -2.39 12.92
N ALA A 27 -7.19 -2.36 13.41
CA ALA A 27 -6.86 -1.42 14.49
C ALA A 27 -7.02 0.02 14.05
N LEU A 28 -6.89 0.29 12.74
CA LEU A 28 -7.07 1.63 12.19
C LEU A 28 -8.50 1.86 11.72
N GLY A 29 -9.39 0.88 11.92
CA GLY A 29 -10.77 1.01 11.45
C GLY A 29 -10.88 1.27 9.97
N ILE A 30 -10.06 0.61 9.16
CA ILE A 30 -10.08 0.89 7.72
C ILE A 30 -11.34 0.29 7.10
N THR A 31 -12.05 1.11 6.33
CA THR A 31 -13.26 0.68 5.62
C THR A 31 -13.10 1.09 4.16
N LYS A 32 -14.09 0.72 3.34
CA LYS A 32 -13.95 0.91 1.90
C LYS A 32 -14.03 2.37 1.51
N GLU A 33 -14.56 3.23 2.36
CA GLU A 33 -14.74 4.62 1.99
C GLU A 33 -13.63 5.54 2.47
N ASP A 34 -12.65 5.00 3.20
CA ASP A 34 -11.49 5.80 3.59
C ASP A 34 -10.76 6.32 2.37
N GLU A 35 -10.13 7.49 2.52
CA GLU A 35 -9.38 8.10 1.44
C GLU A 35 -7.94 8.26 1.89
N PHE A 36 -7.02 7.88 1.01
CA PHE A 36 -5.60 7.92 1.29
C PHE A 36 -4.91 8.78 0.26
N MET A 37 -3.93 9.55 0.70
CA MET A 37 -3.15 10.43 -0.15
C MET A 37 -1.74 9.85 -0.16
N LEU A 38 -1.27 9.49 -1.35
CA LEU A 38 0.02 8.82 -1.48
C LEU A 38 1.13 9.85 -1.67
N SER A 39 2.16 9.78 -0.83
CA SER A 39 3.35 10.59 -0.99
C SER A 39 4.56 9.67 -1.00
N VAL A 40 5.67 10.13 -1.60
CA VAL A 40 6.90 9.37 -1.72
C VAL A 40 8.02 10.10 -0.99
N GLU A 41 8.72 9.38 -0.11
CA GLU A 41 9.67 9.99 0.81
C GLU A 41 10.91 9.12 0.91
N THR A 42 11.92 9.61 1.64
CA THR A 42 13.07 8.78 1.99
C THR A 42 13.04 8.50 3.48
N LYS A 43 13.32 7.25 3.82
CA LYS A 43 13.48 6.78 5.19
C LYS A 43 14.75 5.93 5.21
N ASP A 44 15.68 6.28 6.09
CA ASP A 44 17.00 5.64 6.14
C ASP A 44 17.60 5.56 4.74
N GLY A 45 17.46 6.63 3.96
CA GLY A 45 17.99 6.63 2.61
C GLY A 45 17.35 5.66 1.65
N GLU A 46 16.17 5.12 2.00
CA GLU A 46 15.45 4.23 1.09
C GLU A 46 14.09 4.83 0.75
N ILE A 47 13.65 4.55 -0.49
CA ILE A 47 12.36 5.02 -0.97
C ILE A 47 11.26 4.51 -0.06
N THR A 48 10.35 5.40 0.32
CA THR A 48 9.22 4.98 1.14
C THR A 48 7.93 5.49 0.52
N LEU A 49 6.95 4.61 0.35
CA LEU A 49 5.59 5.01 -0.03
C LEU A 49 4.76 5.23 1.23
N CYS A 50 4.27 6.45 1.41
CA CYS A 50 3.50 6.84 2.59
C CYS A 50 2.05 7.12 2.18
N TYR A 51 1.11 6.43 2.83
CA TYR A 51 -0.31 6.61 2.55
C TYR A 51 -0.94 7.26 3.77
N LYS A 52 -1.28 8.54 3.65
CA LYS A 52 -1.90 9.26 4.74
C LYS A 52 -3.41 9.22 4.55
N ARG A 53 -4.12 8.88 5.61
CA ARG A 53 -5.58 8.86 5.57
C ARG A 53 -6.08 10.29 5.63
N VAL A 54 -6.74 10.73 4.58
CA VAL A 54 -7.23 12.11 4.49
C VAL A 54 -8.74 12.21 4.63
N LYS A 55 -9.45 11.08 4.65
CA LYS A 55 -10.89 11.04 4.91
C LYS A 55 -11.25 9.65 5.43
N LYS A 56 -12.04 9.60 6.49
CA LYS A 56 -12.57 8.33 6.98
C LYS A 56 -13.92 8.06 6.31
N MET B 1 -6.78 7.65 -3.16
CA MET B 1 -7.32 6.35 -3.53
C MET B 1 -7.99 5.67 -2.34
N LYS B 2 -8.99 4.86 -2.63
CA LYS B 2 -9.71 4.08 -1.63
C LYS B 2 -9.02 2.74 -1.46
N PRO B 3 -9.14 2.11 -0.30
CA PRO B 3 -8.55 0.77 -0.14
C PRO B 3 -9.25 -0.27 -1.00
N TYR B 4 -8.49 -1.30 -1.32
CA TYR B 4 -8.90 -2.41 -2.14
C TYR B 4 -9.09 -3.56 -1.17
N ILE B 5 -10.33 -3.99 -0.97
CA ILE B 5 -10.68 -4.95 0.07
C ILE B 5 -11.22 -6.21 -0.60
N ARG B 6 -10.63 -7.35 -0.26
CA ARG B 6 -11.05 -8.63 -0.83
C ARG B 6 -11.51 -9.57 0.27
N ARG B 7 -12.48 -10.43 -0.07
CA ARG B 7 -13.13 -11.33 0.88
C ARG B 7 -13.10 -12.75 0.37
N GLY B 8 -13.26 -13.68 1.31
CA GLY B 8 -13.48 -15.06 1.00
C GLY B 8 -14.83 -15.55 1.50
N GLY B 9 -14.91 -16.86 1.69
CA GLY B 9 -16.13 -17.41 2.25
C GLY B 9 -16.27 -17.10 3.73
N ARG B 10 -15.30 -17.54 4.52
CA ARG B 10 -15.37 -17.39 5.96
C ARG B 10 -15.51 -15.92 6.32
N PRO B 11 -16.39 -15.56 7.24
CA PRO B 11 -16.47 -14.15 7.65
C PRO B 11 -15.21 -13.76 8.40
N GLY B 12 -14.74 -12.54 8.18
CA GLY B 12 -13.55 -12.07 8.86
C GLY B 12 -12.24 -12.48 8.24
N ASP B 13 -12.26 -13.03 7.02
CA ASP B 13 -11.04 -13.37 6.30
C ASP B 13 -10.65 -12.32 5.27
N GLU B 14 -11.17 -11.11 5.41
CA GLU B 14 -10.96 -10.09 4.39
C GLU B 14 -9.53 -9.56 4.42
N THR B 15 -9.07 -9.06 3.28
CA THR B 15 -7.71 -8.57 3.11
C THR B 15 -7.76 -7.19 2.48
N TYR B 16 -6.77 -6.36 2.78
CA TYR B 16 -6.79 -4.95 2.45
C TYR B 16 -5.56 -4.55 1.66
N TYR B 17 -5.75 -3.74 0.61
CA TYR B 17 -4.67 -3.35 -0.27
C TYR B 17 -4.78 -1.88 -0.64
N LEU B 18 -3.61 -1.24 -0.78
CA LEU B 18 -3.46 0.11 -1.29
C LEU B 18 -2.78 0.06 -2.65
N ASN B 19 -3.33 0.77 -3.62
CA ASN B 19 -2.79 0.73 -4.97
C ASN B 19 -1.52 1.58 -5.08
N ILE B 20 -0.61 1.16 -5.95
CA ILE B 20 0.50 2.01 -6.38
C ILE B 20 0.18 2.46 -7.79
N PRO B 21 -0.18 3.72 -8.01
CA PRO B 21 -0.54 4.17 -9.37
C PRO B 21 0.55 3.83 -10.38
N ARG B 22 0.12 3.56 -11.62
CA ARG B 22 1.00 3.07 -12.67
C ARG B 22 2.26 3.92 -12.77
N ASP B 23 2.08 5.23 -12.97
CA ASP B 23 3.24 6.05 -13.25
C ASP B 23 4.15 6.22 -12.04
N ILE B 24 3.60 6.19 -10.83
CA ILE B 24 4.47 6.19 -9.66
C ILE B 24 5.23 4.89 -9.58
N ALA B 25 4.55 3.76 -9.78
CA ALA B 25 5.23 2.48 -9.81
C ALA B 25 6.29 2.46 -10.90
N LYS B 26 5.96 2.94 -12.10
CA LYS B 26 6.93 2.94 -13.18
C LYS B 26 8.13 3.82 -12.83
N ALA B 27 7.89 5.01 -12.29
CA ALA B 27 8.99 5.90 -11.95
C ALA B 27 9.86 5.34 -10.83
N LEU B 28 9.33 4.47 -9.98
CA LEU B 28 10.09 3.91 -8.88
C LEU B 28 10.72 2.58 -9.24
N GLY B 29 10.43 2.03 -10.42
CA GLY B 29 11.02 0.77 -10.82
C GLY B 29 10.56 -0.38 -9.95
N ILE B 30 9.29 -0.36 -9.56
CA ILE B 30 8.77 -1.35 -8.63
C ILE B 30 8.54 -2.66 -9.37
N THR B 31 9.01 -3.76 -8.79
CA THR B 31 8.85 -5.08 -9.40
C THR B 31 8.44 -6.09 -8.34
N LYS B 32 7.95 -7.25 -8.81
CA LYS B 32 7.59 -8.36 -7.92
C LYS B 32 8.72 -8.78 -7.01
N GLU B 33 9.95 -8.36 -7.28
CA GLU B 33 11.05 -8.74 -6.43
C GLU B 33 11.22 -7.83 -5.22
N ASP B 34 10.54 -6.68 -5.19
CA ASP B 34 10.80 -5.68 -4.16
C ASP B 34 10.26 -6.13 -2.81
N GLU B 35 10.95 -5.72 -1.74
CA GLU B 35 10.50 -5.96 -0.39
C GLU B 35 10.32 -4.65 0.35
N PHE B 36 9.28 -4.59 1.19
CA PHE B 36 8.89 -3.40 1.91
C PHE B 36 8.78 -3.73 3.39
N MET B 37 9.15 -2.78 4.24
CA MET B 37 8.90 -2.89 5.66
C MET B 37 7.87 -1.83 6.01
N LEU B 38 6.78 -2.27 6.63
CA LEU B 38 5.63 -1.40 6.91
C LEU B 38 5.75 -0.80 8.30
N SER B 39 5.63 0.51 8.37
CA SER B 39 5.52 1.17 9.65
C SER B 39 4.26 2.01 9.64
N VAL B 40 3.71 2.23 10.84
CA VAL B 40 2.60 3.14 11.07
C VAL B 40 3.16 4.37 11.77
N GLU B 41 2.88 5.55 11.21
CA GLU B 41 3.43 6.80 11.74
C GLU B 41 2.40 7.91 11.60
N THR B 42 2.78 9.09 12.07
CA THR B 42 1.93 10.26 12.04
C THR B 42 2.48 11.26 11.04
N LYS B 43 1.62 11.72 10.13
CA LYS B 43 1.97 12.76 9.16
C LYS B 43 0.86 13.79 9.19
N ASP B 44 1.18 15.01 9.65
CA ASP B 44 0.17 16.06 9.85
C ASP B 44 -0.90 15.62 10.84
N GLY B 45 -0.46 15.01 11.94
CA GLY B 45 -1.37 14.52 12.96
C GLY B 45 -2.40 13.53 12.43
N GLU B 46 -2.20 13.07 11.21
CA GLU B 46 -3.02 11.99 10.65
C GLU B 46 -2.20 10.71 10.60
N ILE B 47 -2.92 9.60 10.51
CA ILE B 47 -2.34 8.27 10.53
C ILE B 47 -1.79 7.94 9.15
N THR B 48 -0.54 7.45 9.11
CA THR B 48 0.14 7.16 7.85
C THR B 48 0.69 5.74 7.86
N LEU B 49 0.43 5.02 6.77
CA LEU B 49 1.06 3.72 6.51
C LEU B 49 2.26 3.94 5.60
N CYS B 50 3.47 3.67 6.12
CA CYS B 50 4.71 3.87 5.36
C CYS B 50 5.33 2.54 4.97
N TYR B 51 5.44 2.30 3.66
CA TYR B 51 6.10 1.12 3.11
C TYR B 51 7.49 1.51 2.64
N LYS B 52 8.50 1.14 3.40
CA LYS B 52 9.88 1.44 3.04
C LYS B 52 10.46 0.31 2.19
N ARG B 53 10.89 0.63 0.98
CA ARG B 53 11.48 -0.42 0.15
C ARG B 53 12.83 -0.83 0.72
N VAL B 54 12.96 -2.10 1.08
CA VAL B 54 14.15 -2.58 1.76
C VAL B 54 15.03 -3.47 0.88
N LYS B 55 14.49 -4.03 -0.20
CA LYS B 55 15.18 -5.00 -1.03
C LYS B 55 14.71 -4.87 -2.47
N LYS B 56 15.66 -5.08 -3.40
CA LYS B 56 15.51 -4.93 -4.87
C LYS B 56 15.21 -3.48 -5.24
#